data_8Q5P
#
_entry.id   8Q5P
#
_cell.length_a   60.94
_cell.length_b   76.33
_cell.length_c   77.41
_cell.angle_alpha   90
_cell.angle_beta   90
_cell.angle_gamma   90
#
_symmetry.space_group_name_H-M   'P 21 21 21'
#
loop_
_entity.id
_entity.type
_entity.pdbx_description
1 polymer 'Histone-lysine N-methyltransferase SETD2'
2 polymer 'Activated CDC42 kinase 1'
3 non-polymer 'ZINC ION'
4 non-polymer S-ADENOSYLMETHIONINE
5 water water
#
loop_
_entity_poly.entity_id
_entity_poly.type
_entity_poly.pdbx_seq_one_letter_code
_entity_poly.pdbx_strand_id
1 'polypeptide(L)'
;MHHHHHHSSGRENLYFQGETSVPPGSALVGPSCVMDDFRDPQRWKECAKQGKMPCYFDLIEENVYLTERKKNKSHRDIKR
MQCECTPLSKDERAQGEIACGEDCLNRLLMIECSSRCPNGDYCSNRRFQRKQHADVEVILTEKKGWGLRAAKDLPSNTFV
LEYCGEVLDHKEFKARVKEYARNKNIHYYFMALKNDEIIDATQKGNCSRFMNHSCEPNCETQKWTVNGQLRVGFFTTKLV
PSGSELTFDYQFQRYGKEAQKCFCGSANCRGYLGGENRVSIRAAGGKMKKERSRK
;
A
2 'polypeptide(L)' QHLGGVMKPTYD B
#
loop_
_chem_comp.id
_chem_comp.type
_chem_comp.name
_chem_comp.formula
SAM non-polymer S-ADENOSYLMETHIONINE 'C15 H22 N6 O5 S'
ZN non-polymer 'ZINC ION' 'Zn 2'
#
# COMPACT_ATOMS: atom_id res chain seq x y z
N GLY A 30 10.35 19.83 6.65
CA GLY A 30 9.14 19.25 7.21
C GLY A 30 9.43 18.18 8.25
N PRO A 31 8.53 17.99 9.22
CA PRO A 31 8.77 16.96 10.25
C PRO A 31 8.71 15.53 9.71
N SER A 32 9.38 14.59 10.40
CA SER A 32 9.45 13.18 10.04
C SER A 32 9.18 12.27 11.25
N CYS A 33 8.80 11.00 10.99
CA CYS A 33 8.55 10.03 12.04
C CYS A 33 8.73 8.58 11.56
N VAL A 34 9.43 7.77 12.36
CA VAL A 34 9.70 6.37 12.01
C VAL A 34 8.47 5.49 12.28
N MET A 35 8.44 4.26 11.72
CA MET A 35 7.30 3.37 11.94
C MET A 35 7.14 2.90 13.41
N ASP A 36 8.19 3.05 14.23
CA ASP A 36 8.12 2.73 15.67
C ASP A 36 7.24 3.73 16.44
N ASP A 37 7.14 4.97 15.94
CA ASP A 37 6.37 6.06 16.53
C ASP A 37 4.84 5.84 16.53
N PHE A 38 4.37 4.94 15.69
CA PHE A 38 2.95 4.64 15.57
C PHE A 38 2.48 3.49 16.49
N ARG A 39 3.40 2.85 17.23
CA ARG A 39 3.04 1.75 18.12
C ARG A 39 2.52 2.22 19.49
N ASP A 40 2.83 3.46 19.89
CA ASP A 40 2.35 4.02 21.17
C ASP A 40 1.21 4.98 20.89
N PRO A 41 -0.06 4.61 21.16
CA PRO A 41 -1.18 5.50 20.82
C PRO A 41 -1.26 6.82 21.60
N GLN A 42 -0.77 6.85 22.84
CA GLN A 42 -0.83 8.06 23.67
C GLN A 42 0.20 9.10 23.22
N ARG A 43 1.46 8.67 23.01
CA ARG A 43 2.55 9.53 22.57
C ARG A 43 2.25 10.10 21.17
N TRP A 44 1.70 9.24 20.28
CA TRP A 44 1.33 9.62 18.91
C TRP A 44 0.25 10.69 18.95
N LYS A 45 -0.84 10.46 19.70
CA LYS A 45 -1.94 11.41 19.82
C LYS A 45 -1.51 12.79 20.36
N GLU A 46 -0.42 12.83 21.14
CA GLU A 46 0.10 14.12 21.63
C GLU A 46 1.00 14.78 20.59
N CYS A 47 1.76 13.97 19.80
CA CYS A 47 2.58 14.50 18.71
C CYS A 47 1.68 15.08 17.60
N ALA A 48 0.50 14.48 17.38
CA ALA A 48 -0.49 14.91 16.38
C ALA A 48 -1.02 16.31 16.74
N LYS A 49 -1.19 16.60 18.03
CA LYS A 49 -1.64 17.92 18.51
C LYS A 49 -0.62 19.02 18.17
N GLN A 50 0.67 18.66 18.16
CA GLN A 50 1.77 19.57 17.81
C GLN A 50 2.15 19.52 16.30
N GLY A 51 1.46 18.70 15.51
CA GLY A 51 1.72 18.57 14.08
C GLY A 51 3.02 17.86 13.74
N LYS A 52 3.60 17.13 14.70
CA LYS A 52 4.85 16.39 14.47
C LYS A 52 4.61 14.98 13.88
N MET A 53 3.36 14.51 13.90
CA MET A 53 2.93 13.22 13.38
C MET A 53 1.56 13.41 12.70
N PRO A 54 1.21 12.51 11.75
CA PRO A 54 -0.10 12.62 11.10
C PRO A 54 -1.24 12.30 12.05
N CYS A 55 -2.45 12.71 11.69
CA CYS A 55 -3.64 12.45 12.48
C CYS A 55 -3.83 10.95 12.83
N TYR A 56 -4.38 10.69 14.03
CA TYR A 56 -4.60 9.35 14.55
C TYR A 56 -5.50 8.48 13.69
N PHE A 57 -5.13 7.21 13.57
CA PHE A 57 -5.90 6.14 12.92
C PHE A 57 -5.57 4.83 13.67
N ASP A 58 -6.42 3.81 13.54
CA ASP A 58 -6.18 2.52 14.17
C ASP A 58 -5.15 1.70 13.38
N LEU A 59 -3.97 1.50 13.96
CA LEU A 59 -2.91 0.74 13.31
C LEU A 59 -3.22 -0.76 13.26
N ILE A 60 -3.26 -1.34 12.07
CA ILE A 60 -3.49 -2.77 11.91
C ILE A 60 -2.38 -3.34 11.03
N GLU A 61 -2.11 -4.61 11.16
CA GLU A 61 -1.08 -5.27 10.35
C GLU A 61 -1.60 -6.26 9.32
N GLU A 62 -2.93 -6.48 9.30
CA GLU A 62 -3.58 -7.36 8.33
C GLU A 62 -5.00 -6.86 8.07
N ASN A 63 -5.52 -7.11 6.86
CA ASN A 63 -6.87 -6.68 6.48
C ASN A 63 -7.93 -7.24 7.43
N VAL A 64 -8.93 -6.42 7.75
CA VAL A 64 -10.02 -6.85 8.60
C VAL A 64 -11.32 -6.71 7.79
N TYR A 65 -12.06 -7.80 7.59
CA TYR A 65 -13.30 -7.76 6.80
C TYR A 65 -14.42 -7.17 7.66
N LEU A 66 -15.07 -6.09 7.18
CA LEU A 66 -16.17 -5.46 7.94
C LEU A 66 -17.26 -6.49 8.25
N THR A 67 -17.61 -7.31 7.26
CA THR A 67 -18.52 -8.43 7.46
C THR A 67 -17.75 -9.74 7.27
N GLU A 68 -17.68 -10.55 8.33
CA GLU A 68 -16.98 -11.84 8.31
C GLU A 68 -17.77 -12.88 7.50
N MET A 81 -1.10 -26.30 -2.18
CA MET A 81 0.08 -27.15 -2.33
C MET A 81 1.40 -26.35 -2.29
N GLN A 82 2.53 -27.05 -2.09
CA GLN A 82 3.87 -26.47 -2.03
C GLN A 82 4.45 -26.19 -3.43
N CYS A 83 5.56 -25.44 -3.50
CA CYS A 83 6.29 -25.20 -4.73
C CYS A 83 7.25 -26.40 -4.98
N GLU A 84 7.97 -26.39 -6.10
CA GLU A 84 8.88 -27.48 -6.43
C GLU A 84 10.37 -27.12 -6.30
N CYS A 85 10.69 -26.03 -5.58
CA CYS A 85 12.07 -25.60 -5.37
C CYS A 85 12.85 -26.64 -4.59
N THR A 86 14.09 -26.90 -4.99
CA THR A 86 14.94 -27.86 -4.29
C THR A 86 15.54 -27.17 -3.07
N PRO A 87 15.40 -27.76 -1.88
CA PRO A 87 15.93 -27.11 -0.67
C PRO A 87 17.42 -26.74 -0.75
N LEU A 88 17.79 -25.57 -0.24
CA LEU A 88 19.19 -25.15 -0.22
C LEU A 88 19.92 -25.91 0.90
N SER A 89 21.15 -26.34 0.64
CA SER A 89 21.94 -27.03 1.67
C SER A 89 22.57 -25.99 2.64
N LYS A 90 23.20 -26.46 3.74
CA LYS A 90 23.82 -25.56 4.71
C LYS A 90 24.93 -24.72 4.07
N ASP A 91 25.64 -25.28 3.07
CA ASP A 91 26.70 -24.56 2.34
C ASP A 91 26.11 -23.45 1.47
N GLU A 92 24.99 -23.73 0.80
CA GLU A 92 24.30 -22.77 -0.07
C GLU A 92 23.77 -21.57 0.72
N ARG A 93 23.28 -21.79 1.95
CA ARG A 93 22.79 -20.70 2.80
C ARG A 93 23.96 -19.89 3.38
N ALA A 94 25.10 -20.53 3.66
CA ALA A 94 26.29 -19.86 4.19
C ALA A 94 26.89 -18.92 3.14
N GLN A 95 26.85 -19.32 1.85
CA GLN A 95 27.34 -18.52 0.73
C GLN A 95 26.46 -17.28 0.50
N GLY A 96 25.16 -17.42 0.75
CA GLY A 96 24.20 -16.34 0.59
C GLY A 96 23.19 -16.57 -0.51
N GLU A 97 23.05 -17.82 -0.99
CA GLU A 97 22.11 -18.14 -2.07
C GLU A 97 20.66 -17.95 -1.64
N ILE A 98 19.77 -17.71 -2.61
CA ILE A 98 18.36 -17.40 -2.31
C ILE A 98 17.42 -18.60 -2.39
N ALA A 99 16.62 -18.80 -1.32
CA ALA A 99 15.64 -19.89 -1.23
C ALA A 99 14.30 -19.38 -1.77
N CYS A 100 13.75 -20.05 -2.79
CA CYS A 100 12.53 -19.67 -3.51
C CYS A 100 12.73 -18.29 -4.10
N GLY A 101 13.82 -18.16 -4.84
CA GLY A 101 14.18 -16.91 -5.49
C GLY A 101 13.42 -16.72 -6.78
N GLU A 102 14.02 -15.98 -7.69
CA GLU A 102 13.50 -15.61 -9.00
C GLU A 102 12.81 -16.77 -9.76
N ASP A 103 13.26 -18.01 -9.56
CA ASP A 103 12.72 -19.18 -10.24
C ASP A 103 11.52 -19.89 -9.57
N CYS A 104 11.19 -19.56 -8.31
CA CYS A 104 10.06 -20.20 -7.60
C CYS A 104 8.75 -20.16 -8.37
N LEU A 105 8.04 -21.29 -8.43
CA LEU A 105 6.76 -21.38 -9.12
C LEU A 105 5.61 -20.68 -8.37
N ASN A 106 5.73 -20.54 -7.05
CA ASN A 106 4.73 -19.83 -6.28
C ASN A 106 4.95 -18.32 -6.57
N ARG A 107 6.21 -17.86 -6.49
CA ARG A 107 6.62 -16.47 -6.75
C ARG A 107 6.09 -15.97 -8.08
N LEU A 108 6.07 -16.85 -9.10
CA LEU A 108 5.60 -16.54 -10.45
C LEU A 108 4.09 -16.31 -10.56
N LEU A 109 3.26 -17.09 -9.84
CA LEU A 109 1.82 -16.83 -9.85
C LEU A 109 1.43 -15.79 -8.77
N MET A 110 2.40 -15.04 -8.24
CA MET A 110 2.26 -14.07 -7.14
C MET A 110 1.55 -14.72 -5.96
N ILE A 111 2.03 -15.92 -5.61
CA ILE A 111 1.49 -16.67 -4.48
C ILE A 111 2.62 -16.81 -3.48
N GLU A 112 2.35 -16.49 -2.20
CA GLU A 112 3.39 -16.69 -1.20
C GLU A 112 3.41 -18.13 -0.73
N CYS A 113 4.60 -18.59 -0.35
CA CYS A 113 4.75 -19.91 0.20
C CYS A 113 4.15 -20.00 1.60
N SER A 114 3.86 -21.22 2.04
CA SER A 114 3.35 -21.45 3.39
C SER A 114 4.52 -21.94 4.31
N SER A 115 4.21 -22.26 5.57
CA SER A 115 5.19 -22.84 6.51
C SER A 115 5.70 -24.22 6.02
N ARG A 116 4.91 -24.89 5.15
CA ARG A 116 5.26 -26.20 4.57
C ARG A 116 6.20 -26.13 3.38
N CYS A 117 6.74 -24.93 3.04
CA CYS A 117 7.67 -24.76 1.92
C CYS A 117 8.85 -25.72 2.05
N PRO A 118 9.32 -26.33 0.93
CA PRO A 118 10.52 -27.20 1.03
C PRO A 118 11.75 -26.46 1.56
N ASN A 119 11.80 -25.12 1.44
CA ASN A 119 12.91 -24.34 2.01
C ASN A 119 12.70 -23.93 3.47
N GLY A 120 11.56 -24.29 4.05
CA GLY A 120 11.19 -24.02 5.43
C GLY A 120 11.34 -22.57 5.82
N ASP A 121 12.03 -22.33 6.95
CA ASP A 121 12.26 -21.00 7.49
C ASP A 121 13.08 -20.09 6.61
N TYR A 122 13.88 -20.65 5.71
CA TYR A 122 14.73 -19.85 4.84
C TYR A 122 14.03 -19.33 3.58
N CYS A 123 12.79 -19.75 3.31
CA CYS A 123 12.06 -19.29 2.15
C CYS A 123 11.99 -17.74 2.08
N SER A 124 12.45 -17.15 0.97
CA SER A 124 12.40 -15.71 0.82
C SER A 124 11.07 -15.22 0.16
N ASN A 125 10.10 -16.13 -0.01
CA ASN A 125 8.81 -15.85 -0.64
C ASN A 125 7.66 -15.85 0.37
N ARG A 126 7.89 -15.30 1.56
CA ARG A 126 6.84 -15.17 2.57
C ARG A 126 6.91 -13.74 3.17
N ARG A 127 7.24 -12.73 2.34
CA ARG A 127 7.41 -11.32 2.73
C ARG A 127 6.20 -10.66 3.38
N PHE A 128 4.99 -10.85 2.83
CA PHE A 128 3.78 -10.27 3.44
C PHE A 128 3.56 -10.88 4.83
N GLN A 129 3.70 -12.21 4.92
CA GLN A 129 3.47 -12.97 6.17
C GLN A 129 4.47 -12.62 7.27
N ARG A 130 5.75 -12.53 6.90
CA ARG A 130 6.81 -12.19 7.84
C ARG A 130 6.99 -10.68 8.05
N LYS A 131 6.18 -9.85 7.35
CA LYS A 131 6.27 -8.37 7.44
C LYS A 131 7.71 -7.90 7.14
N GLN A 132 8.30 -8.41 6.06
CA GLN A 132 9.67 -8.04 5.68
C GLN A 132 9.61 -6.74 4.89
N HIS A 133 9.30 -5.66 5.58
CA HIS A 133 9.07 -4.33 5.00
C HIS A 133 10.35 -3.55 4.75
N ALA A 134 10.28 -2.60 3.82
CA ALA A 134 11.40 -1.71 3.56
C ALA A 134 11.49 -0.68 4.73
N ASP A 135 12.69 -0.10 4.94
CA ASP A 135 12.86 0.91 6.00
C ASP A 135 12.26 2.21 5.46
N VAL A 136 11.13 2.63 6.01
CA VAL A 136 10.46 3.85 5.53
C VAL A 136 10.16 4.81 6.67
N GLU A 137 9.99 6.09 6.35
CA GLU A 137 9.61 7.11 7.32
C GLU A 137 8.42 7.91 6.78
N VAL A 138 7.62 8.48 7.66
CA VAL A 138 6.48 9.30 7.27
C VAL A 138 6.92 10.77 7.39
N ILE A 139 6.68 11.56 6.33
CA ILE A 139 7.11 12.96 6.29
C ILE A 139 5.96 13.88 5.94
N LEU A 140 6.06 15.16 6.27
CA LEU A 140 5.05 16.13 5.89
C LEU A 140 5.49 16.77 4.58
N THR A 141 4.72 16.59 3.51
CA THR A 141 5.06 17.18 2.21
C THR A 141 4.56 18.65 2.20
N GLU A 142 5.01 19.42 1.20
CA GLU A 142 4.63 20.83 1.08
C GLU A 142 3.15 21.02 0.77
N LYS A 143 2.57 20.16 -0.09
CA LYS A 143 1.17 20.37 -0.53
C LYS A 143 0.29 19.13 -0.59
N LYS A 144 0.82 17.93 -0.35
CA LYS A 144 0.02 16.72 -0.47
C LYS A 144 -0.41 16.10 0.84
N GLY A 145 -0.08 16.74 1.97
CA GLY A 145 -0.31 16.15 3.28
C GLY A 145 0.89 15.29 3.65
N TRP A 146 0.68 14.26 4.47
CA TRP A 146 1.79 13.40 4.86
C TRP A 146 2.14 12.45 3.71
N GLY A 147 3.38 11.99 3.68
CA GLY A 147 3.88 11.09 2.67
C GLY A 147 4.82 10.06 3.24
N LEU A 148 5.34 9.23 2.37
CA LEU A 148 6.27 8.16 2.73
C LEU A 148 7.60 8.40 2.04
N ARG A 149 8.70 8.12 2.74
CA ARG A 149 10.01 8.25 2.14
C ARG A 149 10.93 7.08 2.51
N ALA A 150 11.85 6.74 1.62
CA ALA A 150 12.82 5.68 1.86
C ALA A 150 13.80 6.15 2.95
N ALA A 151 14.03 5.33 3.99
CA ALA A 151 15.01 5.66 5.03
C ALA A 151 16.40 5.05 4.71
N LYS A 152 16.48 4.20 3.69
CA LYS A 152 17.67 3.54 3.17
C LYS A 152 17.52 3.45 1.65
N ASP A 153 18.61 3.22 0.91
CA ASP A 153 18.54 2.99 -0.53
C ASP A 153 17.73 1.67 -0.76
N LEU A 154 16.73 1.71 -1.63
CA LEU A 154 15.93 0.52 -1.90
C LEU A 154 16.17 0.04 -3.29
N PRO A 155 16.64 -1.21 -3.45
CA PRO A 155 16.79 -1.76 -4.81
C PRO A 155 15.45 -1.87 -5.53
N SER A 156 15.50 -2.01 -6.86
CA SER A 156 14.31 -2.21 -7.67
C SER A 156 13.64 -3.56 -7.27
N ASN A 157 12.32 -3.60 -7.36
CA ASN A 157 11.44 -4.73 -7.00
C ASN A 157 11.56 -5.12 -5.53
N THR A 158 11.70 -4.12 -4.64
CA THR A 158 11.74 -4.36 -3.20
C THR A 158 10.34 -4.17 -2.65
N PHE A 159 9.89 -5.10 -1.81
CA PHE A 159 8.60 -4.98 -1.12
C PHE A 159 8.67 -3.83 -0.13
N VAL A 160 7.77 -2.85 -0.25
CA VAL A 160 7.74 -1.70 0.63
C VAL A 160 6.90 -2.00 1.87
N LEU A 161 5.56 -2.11 1.70
CA LEU A 161 4.56 -2.36 2.75
C LEU A 161 3.32 -2.96 2.07
N GLU A 162 2.48 -3.61 2.86
CA GLU A 162 1.20 -4.06 2.36
C GLU A 162 0.20 -2.91 2.53
N TYR A 163 -0.74 -2.73 1.60
CA TYR A 163 -1.80 -1.72 1.78
C TYR A 163 -2.90 -2.39 2.58
N CYS A 164 -2.95 -2.19 3.91
CA CYS A 164 -3.94 -2.83 4.80
C CYS A 164 -5.09 -1.90 5.10
N GLY A 165 -6.23 -2.49 5.46
CA GLY A 165 -7.40 -1.70 5.85
C GLY A 165 -8.60 -2.58 6.07
N GLU A 166 -9.77 -1.96 6.15
CA GLU A 166 -11.01 -2.69 6.25
C GLU A 166 -11.49 -3.09 4.84
N VAL A 167 -11.82 -4.37 4.63
CA VAL A 167 -12.33 -4.83 3.35
C VAL A 167 -13.85 -4.72 3.35
N LEU A 168 -14.37 -3.98 2.40
CA LEU A 168 -15.79 -3.68 2.27
C LEU A 168 -16.37 -4.35 1.06
N ASP A 169 -17.67 -4.70 1.13
CA ASP A 169 -18.38 -5.13 -0.07
C ASP A 169 -19.01 -3.83 -0.69
N HIS A 170 -19.70 -3.93 -1.82
CA HIS A 170 -20.26 -2.74 -2.48
C HIS A 170 -21.20 -1.90 -1.60
N LYS A 171 -22.08 -2.54 -0.80
CA LYS A 171 -22.98 -1.78 0.07
C LYS A 171 -22.19 -1.04 1.14
N GLU A 172 -21.22 -1.71 1.74
CA GLU A 172 -20.40 -1.08 2.79
C GLU A 172 -19.56 0.05 2.21
N PHE A 173 -19.08 -0.12 0.98
CA PHE A 173 -18.29 0.90 0.30
C PHE A 173 -19.15 2.16 0.10
N LYS A 174 -20.38 2.00 -0.41
CA LYS A 174 -21.28 3.15 -0.58
C LYS A 174 -21.58 3.84 0.73
N ALA A 175 -21.71 3.07 1.82
CA ALA A 175 -21.93 3.59 3.16
C ALA A 175 -20.75 4.48 3.60
N ARG A 176 -19.49 4.04 3.33
CA ARG A 176 -18.31 4.83 3.67
C ARG A 176 -18.25 6.06 2.76
N VAL A 177 -18.55 5.92 1.47
CA VAL A 177 -18.58 7.07 0.54
C VAL A 177 -19.52 8.18 1.05
N LYS A 178 -20.71 7.79 1.52
CA LYS A 178 -21.68 8.72 2.05
C LYS A 178 -21.18 9.39 3.31
N GLU A 179 -20.59 8.62 4.22
CA GLU A 179 -20.01 9.17 5.44
C GLU A 179 -18.87 10.16 5.14
N TYR A 180 -17.93 9.80 4.24
CA TYR A 180 -16.79 10.68 3.95
C TYR A 180 -17.23 11.96 3.22
N ALA A 181 -18.28 11.86 2.40
CA ALA A 181 -18.85 13.02 1.71
C ALA A 181 -19.52 13.97 2.71
N ARG A 182 -20.20 13.41 3.72
CA ARG A 182 -20.85 14.21 4.77
C ARG A 182 -19.81 14.87 5.68
N ASN A 183 -18.68 14.20 5.90
CA ASN A 183 -17.60 14.74 6.72
C ASN A 183 -16.74 15.77 6.00
N LYS A 184 -16.88 15.90 4.68
CA LYS A 184 -16.11 16.80 3.81
C LYS A 184 -14.63 16.42 3.84
N ASN A 185 -14.34 15.11 3.83
CA ASN A 185 -12.95 14.65 3.86
C ASN A 185 -12.17 15.13 2.64
N ILE A 186 -10.89 15.42 2.85
CA ILE A 186 -10.00 15.87 1.77
C ILE A 186 -9.21 14.68 1.20
N HIS A 187 -8.81 13.74 2.08
CA HIS A 187 -8.02 12.59 1.64
C HIS A 187 -8.87 11.36 1.54
N TYR A 188 -8.57 10.53 0.56
CA TYR A 188 -9.32 9.29 0.28
C TYR A 188 -8.38 8.11 0.32
N TYR A 189 -8.83 7.02 0.94
CA TYR A 189 -7.98 5.85 1.18
C TYR A 189 -8.62 4.54 0.68
N PHE A 190 -9.33 4.59 -0.45
CA PHE A 190 -9.97 3.40 -1.02
C PHE A 190 -9.05 2.77 -2.07
N MET A 191 -8.85 1.47 -2.00
CA MET A 191 -8.04 0.72 -2.94
C MET A 191 -8.93 -0.46 -3.44
N ALA A 192 -9.16 -0.55 -4.76
CA ALA A 192 -9.95 -1.66 -5.31
C ALA A 192 -9.13 -2.94 -5.13
N LEU A 193 -9.71 -3.99 -4.54
CA LEU A 193 -8.96 -5.25 -4.38
C LEU A 193 -9.34 -6.30 -5.46
N LYS A 194 -10.61 -6.67 -5.52
CA LYS A 194 -11.20 -7.59 -6.51
C LYS A 194 -12.71 -7.33 -6.54
N ASN A 195 -13.49 -7.99 -7.43
CA ASN A 195 -14.96 -7.76 -7.49
C ASN A 195 -15.63 -7.80 -6.13
N ASP A 196 -16.36 -6.72 -5.80
CA ASP A 196 -17.02 -6.53 -4.51
C ASP A 196 -16.07 -6.58 -3.30
N GLU A 197 -14.84 -6.09 -3.47
CA GLU A 197 -13.87 -5.99 -2.40
C GLU A 197 -13.09 -4.65 -2.57
N ILE A 198 -13.34 -3.70 -1.69
CA ILE A 198 -12.60 -2.42 -1.63
C ILE A 198 -11.92 -2.36 -0.28
N ILE A 199 -10.62 -2.05 -0.24
CA ILE A 199 -9.90 -1.86 1.02
C ILE A 199 -10.05 -0.39 1.37
N ASP A 200 -10.52 -0.12 2.55
CA ASP A 200 -10.67 1.23 3.04
C ASP A 200 -9.69 1.41 4.19
N ALA A 201 -8.65 2.25 4.00
CA ALA A 201 -7.67 2.51 5.05
C ALA A 201 -7.90 3.84 5.78
N THR A 202 -9.10 4.43 5.66
CA THR A 202 -9.37 5.72 6.29
C THR A 202 -9.29 5.67 7.82
N GLN A 203 -9.90 4.65 8.42
CA GLN A 203 -10.02 4.53 9.86
C GLN A 203 -9.00 3.51 10.42
N LYS A 204 -8.78 2.43 9.69
CA LYS A 204 -7.84 1.39 10.12
C LYS A 204 -6.90 1.12 8.95
N GLY A 205 -5.62 0.98 9.25
CA GLY A 205 -4.63 0.66 8.23
C GLY A 205 -3.24 0.72 8.79
N ASN A 206 -2.25 0.90 7.91
CA ASN A 206 -0.87 1.04 8.35
C ASN A 206 -0.21 2.22 7.59
N CYS A 207 1.13 2.38 7.67
CA CYS A 207 1.74 3.56 7.04
C CYS A 207 1.71 3.57 5.52
N SER A 208 1.27 2.46 4.88
CA SER A 208 1.09 2.46 3.43
C SER A 208 0.00 3.45 3.01
N ARG A 209 -0.95 3.79 3.92
CA ARG A 209 -1.99 4.77 3.60
C ARG A 209 -1.39 6.20 3.33
N PHE A 210 -0.09 6.42 3.62
CA PHE A 210 0.55 7.71 3.34
C PHE A 210 1.23 7.79 1.95
N MET A 211 1.25 6.70 1.16
CA MET A 211 1.90 6.77 -0.15
C MET A 211 1.15 7.69 -1.11
N ASN A 212 1.84 8.74 -1.60
CA ASN A 212 1.24 9.70 -2.48
C ASN A 212 1.27 9.26 -3.95
N HIS A 213 0.45 9.94 -4.76
CA HIS A 213 0.39 9.69 -6.19
C HIS A 213 1.52 10.43 -6.91
N SER A 214 2.03 9.80 -7.97
CA SER A 214 2.92 10.50 -8.90
C SER A 214 2.60 10.03 -10.32
N CYS A 215 2.64 10.98 -11.26
CA CYS A 215 2.49 10.71 -12.68
C CYS A 215 3.76 10.02 -13.25
N GLU A 216 4.92 10.08 -12.53
CA GLU A 216 6.15 9.35 -12.89
C GLU A 216 6.62 8.68 -11.60
N PRO A 217 5.95 7.60 -11.19
CA PRO A 217 6.22 7.04 -9.86
C PRO A 217 7.46 6.15 -9.75
N ASN A 218 7.82 5.79 -8.51
CA ASN A 218 8.92 4.86 -8.28
C ASN A 218 8.46 3.53 -7.62
N CYS A 219 7.13 3.37 -7.39
CA CYS A 219 6.55 2.16 -6.84
C CYS A 219 5.35 1.76 -7.67
N GLU A 220 4.90 0.54 -7.48
CA GLU A 220 3.71 0.02 -8.10
C GLU A 220 3.01 -0.91 -7.10
N THR A 221 1.75 -1.22 -7.34
CA THR A 221 1.09 -2.25 -6.55
C THR A 221 1.41 -3.62 -7.21
N GLN A 222 1.32 -4.66 -6.40
CA GLN A 222 1.36 -6.05 -6.83
C GLN A 222 0.33 -6.77 -5.94
N LYS A 223 -0.59 -7.50 -6.58
CA LYS A 223 -1.65 -8.22 -5.87
C LYS A 223 -1.21 -9.65 -5.65
N TRP A 224 -0.96 -9.99 -4.40
CA TRP A 224 -0.42 -11.29 -4.02
C TRP A 224 -1.44 -12.14 -3.30
N THR A 225 -1.37 -13.46 -3.50
CA THR A 225 -2.27 -14.38 -2.80
C THR A 225 -1.53 -15.01 -1.63
N VAL A 226 -2.08 -14.85 -0.43
CA VAL A 226 -1.52 -15.38 0.80
C VAL A 226 -2.61 -16.23 1.45
N ASN A 227 -2.40 -17.55 1.53
CA ASN A 227 -3.39 -18.47 2.08
C ASN A 227 -4.75 -18.36 1.39
N GLY A 228 -4.73 -18.28 0.07
CA GLY A 228 -5.95 -18.12 -0.72
C GLY A 228 -6.60 -16.74 -0.67
N GLN A 229 -6.02 -15.77 0.05
CA GLN A 229 -6.60 -14.44 0.15
C GLN A 229 -5.77 -13.42 -0.63
N LEU A 230 -6.45 -12.55 -1.41
CA LEU A 230 -5.74 -11.57 -2.20
C LEU A 230 -5.40 -10.36 -1.33
N ARG A 231 -4.17 -9.88 -1.48
CA ARG A 231 -3.64 -8.74 -0.74
C ARG A 231 -2.90 -7.81 -1.72
N VAL A 232 -2.87 -6.51 -1.43
CA VAL A 232 -2.18 -5.55 -2.29
C VAL A 232 -0.95 -5.11 -1.54
N GLY A 233 0.20 -5.09 -2.20
CA GLY A 233 1.41 -4.54 -1.61
C GLY A 233 2.08 -3.55 -2.54
N PHE A 234 2.93 -2.66 -1.99
CA PHE A 234 3.71 -1.70 -2.79
C PHE A 234 5.13 -2.26 -2.99
N PHE A 235 5.64 -2.13 -4.21
CA PHE A 235 6.97 -2.64 -4.58
C PHE A 235 7.70 -1.56 -5.35
N THR A 236 9.00 -1.35 -5.08
CA THR A 236 9.75 -0.35 -5.85
C THR A 236 9.87 -0.85 -7.31
N THR A 237 9.92 0.07 -8.24
CA THR A 237 9.98 -0.21 -9.66
C THR A 237 11.38 0.16 -10.26
N LYS A 238 12.23 0.78 -9.44
CA LYS A 238 13.55 1.25 -9.75
C LYS A 238 14.28 1.41 -8.40
N LEU A 239 15.59 1.73 -8.46
CA LEU A 239 16.39 2.01 -7.28
C LEU A 239 15.88 3.33 -6.72
N VAL A 240 15.52 3.32 -5.44
CA VAL A 240 15.02 4.54 -4.79
C VAL A 240 16.07 4.96 -3.80
N PRO A 241 16.73 6.11 -4.02
CA PRO A 241 17.75 6.56 -3.08
C PRO A 241 17.17 6.96 -1.73
N SER A 242 17.97 6.84 -0.66
CA SER A 242 17.60 7.21 0.69
C SER A 242 17.13 8.68 0.76
N GLY A 243 16.05 8.93 1.48
CA GLY A 243 15.45 10.25 1.59
C GLY A 243 14.44 10.59 0.52
N SER A 244 14.32 9.75 -0.54
CA SER A 244 13.37 10.05 -1.62
C SER A 244 11.93 9.64 -1.25
N GLU A 245 10.97 10.46 -1.68
CA GLU A 245 9.57 10.15 -1.44
C GLU A 245 9.16 8.92 -2.28
N LEU A 246 8.39 8.00 -1.69
CA LEU A 246 7.90 6.79 -2.35
C LEU A 246 6.53 7.12 -2.90
N THR A 247 6.30 6.92 -4.18
CA THR A 247 5.04 7.25 -4.83
C THR A 247 4.56 6.12 -5.72
N PHE A 248 3.26 6.09 -6.05
CA PHE A 248 2.76 5.15 -7.05
C PHE A 248 1.69 5.84 -7.91
N ASP A 249 1.33 5.22 -9.04
CA ASP A 249 0.30 5.81 -9.90
C ASP A 249 -1.02 5.29 -9.37
N TYR A 250 -1.82 6.18 -8.82
CA TYR A 250 -3.11 5.80 -8.25
C TYR A 250 -4.07 5.21 -9.31
N GLN A 251 -3.90 5.57 -10.63
CA GLN A 251 -4.87 5.19 -11.72
C GLN A 251 -6.30 5.50 -11.22
N PHE A 252 -6.43 6.65 -10.52
CA PHE A 252 -7.57 7.07 -9.76
C PHE A 252 -8.87 7.08 -10.52
N GLN A 253 -9.87 6.42 -9.95
CA GLN A 253 -11.22 6.36 -10.50
C GLN A 253 -12.03 7.36 -9.68
N ARG A 254 -12.23 8.53 -10.24
CA ARG A 254 -12.90 9.61 -9.53
C ARG A 254 -14.45 9.57 -9.61
N TYR A 255 -15.11 9.51 -8.45
CA TYR A 255 -16.57 9.67 -8.39
C TYR A 255 -16.96 11.10 -7.94
N GLY A 256 -16.01 11.86 -7.40
CA GLY A 256 -16.23 13.23 -6.96
C GLY A 256 -16.51 14.15 -8.13
N LYS A 257 -17.27 15.22 -7.89
CA LYS A 257 -17.62 16.19 -8.92
C LYS A 257 -16.37 16.95 -9.36
N GLU A 258 -15.54 17.37 -8.39
CA GLU A 258 -14.33 18.11 -8.69
C GLU A 258 -13.11 17.18 -8.58
N ALA A 259 -12.16 17.30 -9.51
CA ALA A 259 -10.95 16.48 -9.46
C ALA A 259 -9.89 17.20 -8.63
N GLN A 260 -9.08 16.43 -7.94
CA GLN A 260 -8.00 16.99 -7.14
C GLN A 260 -6.83 17.29 -8.08
N LYS A 261 -6.27 18.50 -8.00
CA LYS A 261 -5.10 18.85 -8.81
C LYS A 261 -3.90 18.06 -8.31
N CYS A 262 -3.04 17.64 -9.24
CA CYS A 262 -1.87 16.88 -8.88
C CYS A 262 -0.66 17.78 -8.59
N PHE A 263 -0.01 17.55 -7.47
CA PHE A 263 1.20 18.29 -7.10
C PHE A 263 2.47 17.41 -7.20
N CYS A 264 2.45 16.35 -8.04
CA CYS A 264 3.61 15.44 -8.11
C CYS A 264 4.92 16.15 -8.62
N GLY A 265 4.75 17.26 -9.33
CA GLY A 265 5.87 18.04 -9.81
C GLY A 265 6.66 17.44 -10.95
N SER A 266 6.15 16.34 -11.53
CA SER A 266 6.87 15.69 -12.64
C SER A 266 6.64 16.43 -13.96
N ALA A 267 7.60 16.32 -14.88
CA ALA A 267 7.50 16.95 -16.19
C ALA A 267 6.30 16.40 -16.99
N ASN A 268 5.98 15.12 -16.81
CA ASN A 268 4.84 14.51 -17.52
C ASN A 268 3.52 14.57 -16.74
N CYS A 269 3.43 15.39 -15.68
CA CYS A 269 2.22 15.47 -14.83
C CYS A 269 0.92 15.63 -15.62
N ARG A 270 -0.04 14.78 -15.30
CA ARG A 270 -1.38 14.81 -15.90
C ARG A 270 -2.29 15.94 -15.36
N GLY A 271 -1.81 16.71 -14.40
CA GLY A 271 -2.53 17.83 -13.83
C GLY A 271 -3.55 17.49 -12.76
N TYR A 272 -4.15 16.29 -12.80
CA TYR A 272 -5.20 15.90 -11.85
C TYR A 272 -5.09 14.43 -11.45
N LEU A 273 -5.69 14.09 -10.30
CA LEU A 273 -5.82 12.72 -9.87
C LEU A 273 -7.21 12.34 -10.42
N GLY A 274 -7.24 11.40 -11.35
CA GLY A 274 -8.50 10.93 -11.90
C GLY A 274 -8.72 11.23 -13.36
N GLY A 275 -7.81 12.00 -13.96
CA GLY A 275 -7.90 12.34 -15.38
C GLY A 275 -9.04 13.27 -15.72
N GLU A 276 -9.66 13.02 -16.88
CA GLU A 276 -10.76 13.87 -17.35
C GLU A 276 -12.16 13.34 -16.99
N ASN A 277 -12.34 12.01 -17.00
CA ASN A 277 -13.66 11.43 -16.79
C ASN A 277 -14.04 11.11 -15.35
N ARG A 278 -15.28 11.45 -15.00
CA ARG A 278 -15.83 11.11 -13.70
C ARG A 278 -16.69 9.85 -13.86
N VAL A 279 -16.51 8.88 -12.97
CA VAL A 279 -17.32 7.68 -12.96
C VAL A 279 -18.32 7.74 -11.79
N SER A 280 -19.36 6.91 -11.80
CA SER A 280 -20.33 6.92 -10.71
C SER A 280 -19.75 6.16 -9.49
N ILE A 281 -20.29 6.42 -8.28
CA ILE A 281 -19.89 5.73 -7.03
C ILE A 281 -19.93 4.22 -7.24
N ARG A 282 -21.02 3.76 -7.86
CA ARG A 282 -21.25 2.38 -8.25
C ARG A 282 -20.04 1.80 -9.04
N ALA A 283 -19.59 2.48 -10.11
CA ALA A 283 -18.48 2.03 -10.99
C ALA A 283 -17.05 2.13 -10.37
N ALA A 284 -16.79 3.14 -9.55
CA ALA A 284 -15.48 3.33 -8.92
C ALA A 284 -15.11 2.14 -8.03
N GLY A 285 -16.10 1.61 -7.32
CA GLY A 285 -15.89 0.48 -6.43
C GLY A 285 -15.91 -0.88 -7.10
N GLY A 286 -14.89 -1.16 -7.92
CA GLY A 286 -14.75 -2.43 -8.62
C GLY A 286 -15.74 -2.69 -9.74
N GLN B 1 -20.79 13.02 -4.85
CA GLN B 1 -20.52 14.19 -4.00
C GLN B 1 -19.31 15.05 -4.49
N HIS B 2 -18.82 16.03 -3.70
CA HIS B 2 -17.76 16.99 -4.04
C HIS B 2 -16.41 16.34 -4.44
N LEU B 3 -15.74 15.65 -3.53
CA LEU B 3 -14.48 14.98 -3.81
C LEU B 3 -14.61 13.45 -3.65
N GLY B 4 -13.58 12.70 -4.06
CA GLY B 4 -13.57 11.28 -3.81
C GLY B 4 -13.34 10.38 -4.99
N GLY B 5 -12.75 9.24 -4.70
CA GLY B 5 -12.48 8.25 -5.71
C GLY B 5 -11.79 7.05 -5.13
N VAL B 6 -11.44 6.12 -6.00
CA VAL B 6 -10.82 4.86 -5.61
C VAL B 6 -9.56 4.65 -6.37
N MET B 7 -8.50 4.24 -5.69
CA MET B 7 -7.22 3.88 -6.30
C MET B 7 -7.33 2.47 -6.93
N LYS B 8 -6.76 2.32 -8.10
CA LYS B 8 -6.84 1.03 -8.82
C LYS B 8 -5.46 0.42 -9.01
N PRO B 9 -5.22 -0.73 -8.39
CA PRO B 9 -3.92 -1.41 -8.59
C PRO B 9 -3.67 -1.73 -10.07
N THR B 10 -2.41 -1.79 -10.48
CA THR B 10 -2.09 -2.14 -11.88
C THR B 10 -2.60 -3.57 -12.19
N TYR B 11 -2.99 -3.79 -13.46
CA TYR B 11 -3.45 -5.10 -13.90
C TYR B 11 -2.31 -6.12 -13.79
N ASP B 12 -2.53 -7.12 -12.89
CA ASP B 12 -1.62 -8.16 -12.40
C ASP B 12 -2.14 -9.55 -12.69
ZN ZN C . 9.64 -22.11 -4.16
ZN ZN D . 9.12 -21.04 -0.53
ZN ZN E . 1.13 14.64 -11.44
N SAM F . -1.31 12.47 1.71
CA SAM F . -2.28 11.65 2.42
C SAM F . -2.38 12.03 3.95
O SAM F . -1.86 13.13 4.26
OXT SAM F . -2.95 11.25 4.74
CB SAM F . -1.83 10.19 2.29
CG SAM F . -2.27 9.65 0.89
SD SAM F . -4.05 9.43 0.87
CE SAM F . -3.99 7.83 0.12
C5' SAM F . -4.52 10.25 -0.65
C4' SAM F . -4.72 11.76 -0.55
O4' SAM F . -3.43 12.41 -0.58
C3' SAM F . -5.44 12.25 -1.79
O3' SAM F . -6.85 12.11 -1.66
C2' SAM F . -4.93 13.68 -1.92
O2' SAM F . -5.63 14.55 -1.03
C1' SAM F . -3.47 13.53 -1.44
N9 SAM F . -2.52 13.31 -2.52
C8 SAM F . -1.83 12.17 -2.85
N7 SAM F . -1.04 12.29 -3.89
C5 SAM F . -1.23 13.61 -4.29
C6 SAM F . -0.72 14.36 -5.37
N6 SAM F . 0.20 13.92 -6.22
N1 SAM F . -1.22 15.60 -5.57
C2 SAM F . -2.12 16.09 -4.70
N3 SAM F . -2.61 15.50 -3.60
C4 SAM F . -2.15 14.25 -3.47
#